data_4C7B
#
_entry.id   4C7B
#
_cell.length_a   114.820
_cell.length_b   114.820
_cell.length_c   123.750
_cell.angle_alpha   90.00
_cell.angle_beta   90.00
_cell.angle_gamma   120.00
#
_symmetry.space_group_name_H-M   'H 3 2'
#
loop_
_entity.id
_entity.type
_entity.pdbx_description
1 polymer 'NAD-DEPENDENT PROTEIN DEACETYLASE SIRTUIN-3, MITOCHONDRIAL'
2 polymer PEPTIDE
3 non-polymer 'ZINC ION'
4 non-polymer 5-[(E)-2-(4-bromophenyl)ethenyl]benzene-1,3-diol
5 non-polymer 'ISOPROPYL ALCOHOL'
6 non-polymer GLYCEROL
7 water water
#
loop_
_entity_poly.entity_id
_entity_poly.type
_entity_poly.pdbx_seq_one_letter_code
_entity_poly.pdbx_strand_id
1 'polypeptide(L)'
;SSDKGKLSLQDVAELIRARACQRVVVMVGAGISTPSGIPDFRSPGSGLYSNLQQYDLPYPEAIFELPFFFHNPKPFFTLA
KELYPGNYKPNVTHYFLRLLHDKGLLLRLYTQNIDGLERVSGIPASKLVEAHGTFASATCTVCQRPFPGEDIRADVMADR
VPRCPVCTGVVKPDIVFFGEPLPQRFLLHVVDFPMADLLLILGTSLEVEPFASLTEAVRSSVPRLLINRDLVGPLAWHPR
SRDVAQLGDVVHGVESLVELLGWTEEMRDLVQRETGKLDGPDK
;
A
2 'polypeptide(L)' RHK(FDL) B
#
# COMPACT_ATOMS: atom_id res chain seq x y z
N LYS A 6 17.66 -24.02 -4.05
CA LYS A 6 17.24 -22.60 -3.94
C LYS A 6 16.41 -22.11 -5.14
N LEU A 7 15.32 -21.38 -4.87
CA LEU A 7 14.32 -21.03 -5.90
C LEU A 7 14.72 -19.81 -6.69
N SER A 8 14.38 -19.80 -7.98
CA SER A 8 14.57 -18.60 -8.82
C SER A 8 13.21 -17.93 -9.12
N LEU A 9 13.28 -16.75 -9.72
CA LEU A 9 12.08 -16.03 -10.11
C LEU A 9 11.24 -16.85 -11.03
N GLN A 10 11.89 -17.56 -11.96
CA GLN A 10 11.18 -18.42 -12.88
C GLN A 10 10.46 -19.59 -12.19
N ASP A 11 11.07 -20.17 -11.15
CA ASP A 11 10.39 -21.20 -10.39
C ASP A 11 9.05 -20.66 -9.78
N VAL A 12 9.10 -19.47 -9.20
CA VAL A 12 7.93 -18.82 -8.59
C VAL A 12 6.85 -18.56 -9.66
N ALA A 13 7.24 -17.89 -10.75
CA ALA A 13 6.43 -17.80 -11.93
C ALA A 13 5.75 -19.12 -12.30
N GLU A 14 6.47 -20.24 -12.28
CA GLU A 14 5.86 -21.52 -12.67
C GLU A 14 4.90 -22.05 -11.61
N LEU A 15 5.22 -21.85 -10.35
CA LEU A 15 4.28 -22.20 -9.31
C LEU A 15 2.99 -21.41 -9.47
N ILE A 16 3.08 -20.18 -9.96
CA ILE A 16 1.87 -19.38 -10.15
C ILE A 16 1.17 -19.84 -11.42
N ARG A 17 1.90 -20.10 -12.50
CA ARG A 17 1.28 -20.50 -13.75
C ARG A 17 0.46 -21.79 -13.54
N ALA A 18 1.05 -22.77 -12.85
CA ALA A 18 0.31 -23.89 -12.26
C ALA A 18 -0.26 -23.26 -11.03
N ARG A 19 -1.36 -23.72 -10.53
CA ARG A 19 -1.95 -23.00 -9.42
C ARG A 19 -1.48 -23.59 -8.08
N ALA A 20 -0.20 -23.93 -8.00
CA ALA A 20 0.39 -24.36 -6.75
C ALA A 20 0.35 -23.15 -5.81
N CYS A 21 0.49 -21.95 -6.36
CA CYS A 21 0.22 -20.72 -5.64
C CYS A 21 -1.06 -20.10 -6.12
N GLN A 22 -2.01 -20.01 -5.20
CA GLN A 22 -3.44 -19.69 -5.37
C GLN A 22 -3.89 -18.56 -4.41
N ARG A 23 -3.19 -18.39 -3.29
CA ARG A 23 -3.61 -17.52 -2.18
C ARG A 23 -2.44 -16.55 -1.87
N VAL A 24 -2.29 -15.57 -2.74
CA VAL A 24 -1.12 -14.68 -2.65
C VAL A 24 -1.41 -13.53 -1.68
N VAL A 25 -0.49 -13.35 -0.73
CA VAL A 25 -0.54 -12.21 0.20
C VAL A 25 0.59 -11.27 -0.22
N VAL A 26 0.20 -10.03 -0.49
CA VAL A 26 1.11 -8.96 -0.98
C VAL A 26 1.30 -7.84 0.07
N MET A 27 2.54 -7.39 0.20
CA MET A 27 2.88 -6.22 1.05
C MET A 27 3.69 -5.26 0.23
N VAL A 28 3.19 -4.02 0.20
CA VAL A 28 3.79 -2.92 -0.52
C VAL A 28 4.02 -1.64 0.31
N GLY A 29 5.00 -0.85 -0.18
CA GLY A 29 5.37 0.47 0.37
C GLY A 29 5.72 1.46 -0.75
N ALA A 30 6.43 2.52 -0.35
CA ALA A 30 6.68 3.64 -1.15
C ALA A 30 7.36 3.32 -2.44
N GLY A 31 8.14 2.24 -2.51
CA GLY A 31 8.80 1.88 -3.74
C GLY A 31 7.86 1.60 -4.91
N ILE A 32 6.59 1.24 -4.66
CA ILE A 32 5.70 1.12 -5.81
C ILE A 32 5.07 2.44 -6.19
N SER A 33 5.22 3.48 -5.38
CA SER A 33 4.56 4.72 -5.76
C SER A 33 5.48 5.79 -6.38
N THR A 34 6.77 5.68 -6.16
CA THR A 34 7.71 6.63 -6.79
C THR A 34 7.70 6.47 -8.31
N PRO A 35 7.45 5.26 -8.84
CA PRO A 35 7.31 5.30 -10.31
C PRO A 35 6.08 6.02 -10.80
N SER A 36 5.10 6.37 -9.96
CA SER A 36 3.99 7.20 -10.40
C SER A 36 4.33 8.73 -10.27
N GLY A 37 5.54 9.01 -9.76
CA GLY A 37 5.98 10.44 -9.70
C GLY A 37 5.74 10.92 -8.30
N ILE A 38 5.33 10.04 -7.35
CA ILE A 38 5.20 10.46 -5.94
C ILE A 38 6.56 10.29 -5.22
N PRO A 39 7.20 11.38 -4.72
CA PRO A 39 8.50 11.22 -4.00
C PRO A 39 8.46 10.29 -2.74
N ASP A 40 9.61 9.94 -2.13
CA ASP A 40 9.66 9.08 -0.88
C ASP A 40 9.68 9.88 0.51
N PHE A 41 10.61 9.57 1.41
CA PHE A 41 10.53 9.98 2.83
C PHE A 41 11.92 9.87 3.47
N ARG A 42 12.65 10.98 3.41
CA ARG A 42 13.72 11.31 4.37
C ARG A 42 14.54 10.10 4.88
N GLN A 54 9.28 22.05 1.35
CA GLN A 54 9.19 22.85 2.59
C GLN A 54 7.73 23.07 2.98
N TYR A 55 7.18 22.11 3.70
CA TYR A 55 5.84 22.25 4.26
C TYR A 55 5.63 23.10 5.55
N ASP A 56 6.64 23.75 6.14
CA ASP A 56 6.40 24.58 7.37
C ASP A 56 6.20 23.65 8.57
N LEU A 57 7.15 22.75 8.68
CA LEU A 57 7.09 21.67 9.62
C LEU A 57 8.35 21.81 10.43
N PRO A 58 8.26 21.66 11.72
CA PRO A 58 9.48 21.61 12.58
C PRO A 58 10.34 20.41 12.28
N TYR A 59 9.76 19.30 11.89
CA TYR A 59 10.51 18.12 11.47
C TYR A 59 9.48 17.22 10.73
N PRO A 60 9.97 16.30 9.91
CA PRO A 60 9.13 15.64 8.93
C PRO A 60 7.98 14.90 9.50
N GLU A 61 8.21 14.22 10.61
CA GLU A 61 7.16 13.34 11.14
C GLU A 61 6.00 14.12 11.67
N ALA A 62 6.22 15.42 11.90
CA ALA A 62 5.17 16.29 12.47
C ALA A 62 3.93 16.33 11.61
N ILE A 63 4.05 16.02 10.34
CA ILE A 63 2.84 16.06 9.51
C ILE A 63 1.83 14.99 9.82
N PHE A 64 2.27 13.94 10.52
CA PHE A 64 1.37 12.86 10.97
C PHE A 64 1.40 12.71 12.49
N GLU A 65 1.59 13.85 13.18
CA GLU A 65 1.44 13.91 14.61
C GLU A 65 0.21 14.69 14.99
N LEU A 66 -0.60 14.12 15.87
CA LEU A 66 -1.84 14.74 16.28
C LEU A 66 -1.70 16.09 17.04
N PRO A 67 -0.73 16.21 17.95
CA PRO A 67 -0.61 17.52 18.63
C PRO A 67 -0.22 18.62 17.69
N PHE A 68 0.82 18.38 16.89
CA PHE A 68 1.13 19.32 15.86
C PHE A 68 -0.11 19.65 15.02
N PHE A 69 -0.80 18.60 14.55
CA PHE A 69 -1.99 18.81 13.73
C PHE A 69 -3.08 19.68 14.39
N PHE A 70 -3.40 19.44 15.66
CA PHE A 70 -4.32 20.32 16.36
C PHE A 70 -3.79 21.75 16.40
N HIS A 71 -2.49 21.95 16.60
CA HIS A 71 -1.91 23.33 16.60
C HIS A 71 -1.76 23.95 15.18
N ASN A 72 -1.51 23.13 14.16
CA ASN A 72 -1.47 23.66 12.78
C ASN A 72 -1.82 22.61 11.72
N PRO A 73 -3.10 22.50 11.34
CA PRO A 73 -3.47 21.40 10.38
C PRO A 73 -3.09 21.69 8.92
N LYS A 74 -2.59 22.89 8.60
CA LYS A 74 -2.40 23.27 7.18
C LYS A 74 -1.38 22.49 6.43
N PRO A 75 -0.25 22.19 7.06
CA PRO A 75 0.66 21.39 6.30
C PRO A 75 0.01 20.01 5.93
N PHE A 76 -0.61 19.36 6.85
CA PHE A 76 -1.20 18.04 6.50
C PHE A 76 -2.20 18.21 5.33
N PHE A 77 -3.04 19.24 5.40
CA PHE A 77 -4.06 19.49 4.37
C PHE A 77 -3.48 19.84 3.00
N THR A 78 -2.33 20.54 2.99
CA THR A 78 -1.54 20.69 1.80
C THR A 78 -1.13 19.35 1.19
N LEU A 79 -0.69 18.39 2.01
CA LEU A 79 -0.34 17.07 1.48
C LEU A 79 -1.62 16.41 0.90
N ALA A 80 -2.70 16.54 1.63
CA ALA A 80 -3.94 15.91 1.19
C ALA A 80 -4.37 16.41 -0.16
N LYS A 81 -4.35 17.73 -0.32
CA LYS A 81 -4.68 18.35 -1.58
C LYS A 81 -3.82 17.75 -2.74
N GLU A 82 -2.53 17.58 -2.52
CA GLU A 82 -1.59 16.96 -3.46
C GLU A 82 -1.80 15.47 -3.72
N LEU A 83 -2.41 14.77 -2.78
CA LEU A 83 -2.62 13.34 -2.95
C LEU A 83 -4.07 12.96 -3.30
N TYR A 84 -4.95 13.93 -3.33
CA TYR A 84 -6.33 13.62 -3.67
C TYR A 84 -6.36 13.14 -5.13
N PRO A 85 -7.41 12.41 -5.52
CA PRO A 85 -7.37 11.75 -6.86
C PRO A 85 -7.23 12.72 -8.02
N GLY A 86 -6.53 12.34 -9.09
CA GLY A 86 -6.33 13.24 -10.24
C GLY A 86 -4.89 13.80 -10.39
N ASN A 87 -4.11 13.67 -9.33
CA ASN A 87 -2.72 14.10 -9.34
C ASN A 87 -1.82 12.99 -9.76
N TYR A 88 -2.09 11.74 -9.39
CA TYR A 88 -1.23 10.66 -9.78
C TYR A 88 -2.02 9.45 -10.34
N LYS A 89 -1.39 8.67 -11.21
CA LYS A 89 -2.04 7.50 -11.67
C LYS A 89 -1.22 6.24 -11.34
N PRO A 90 -1.92 5.09 -11.21
CA PRO A 90 -1.15 3.89 -10.97
C PRO A 90 -0.20 3.56 -12.14
N ASN A 91 0.83 2.80 -11.82
CA ASN A 91 1.86 2.36 -12.76
C ASN A 91 1.78 0.86 -12.87
N VAL A 92 2.70 0.28 -13.64
CA VAL A 92 2.68 -1.18 -13.96
C VAL A 92 2.68 -2.07 -12.69
N THR A 93 3.30 -1.64 -11.59
CA THR A 93 3.35 -2.44 -10.39
C THR A 93 1.93 -2.55 -9.81
N HIS A 94 1.14 -1.46 -9.85
CA HIS A 94 -0.22 -1.50 -9.35
C HIS A 94 -1.07 -2.39 -10.28
N TYR A 95 -0.83 -2.25 -11.58
CA TYR A 95 -1.59 -2.95 -12.55
C TYR A 95 -1.28 -4.48 -12.53
N PHE A 96 -0.03 -4.86 -12.21
CA PHE A 96 0.33 -6.24 -12.01
C PHE A 96 -0.48 -6.78 -10.82
N LEU A 97 -0.61 -5.99 -9.77
CA LEU A 97 -1.38 -6.48 -8.63
C LEU A 97 -2.88 -6.61 -8.99
N ARG A 98 -3.40 -5.66 -9.75
CA ARG A 98 -4.76 -5.82 -10.27
C ARG A 98 -4.96 -7.13 -11.04
N LEU A 99 -3.98 -7.47 -11.88
CA LEU A 99 -3.94 -8.72 -12.64
C LEU A 99 -3.97 -9.93 -11.75
N LEU A 100 -3.23 -9.93 -10.68
CA LEU A 100 -3.33 -10.98 -9.69
CA LEU A 100 -3.36 -11.02 -9.73
C LEU A 100 -4.79 -11.12 -9.20
N HIS A 101 -5.44 -9.98 -8.91
CA HIS A 101 -6.80 -10.00 -8.44
C HIS A 101 -7.74 -10.62 -9.50
N ASP A 102 -7.60 -10.15 -10.74
CA ASP A 102 -8.39 -10.55 -11.85
C ASP A 102 -8.19 -12.04 -12.14
N LYS A 103 -7.00 -12.60 -11.85
CA LYS A 103 -6.77 -14.01 -12.14
C LYS A 103 -7.10 -14.91 -11.00
N GLY A 104 -7.78 -14.42 -9.98
CA GLY A 104 -8.31 -15.24 -8.86
C GLY A 104 -7.19 -15.60 -7.89
N LEU A 105 -6.06 -14.87 -7.91
CA LEU A 105 -4.92 -15.24 -7.08
C LEU A 105 -4.64 -14.38 -5.84
N LEU A 106 -5.38 -13.27 -5.67
CA LEU A 106 -5.02 -12.32 -4.62
C LEU A 106 -5.84 -12.60 -3.35
N LEU A 107 -5.19 -13.06 -2.29
CA LEU A 107 -5.90 -13.21 -0.99
C LEU A 107 -5.99 -11.78 -0.34
N ARG A 108 -4.88 -11.04 -0.30
CA ARG A 108 -4.92 -9.71 0.33
C ARG A 108 -3.72 -8.91 -0.07
N LEU A 109 -3.95 -7.64 -0.17
CA LEU A 109 -2.84 -6.64 -0.43
C LEU A 109 -2.77 -5.68 0.77
N TYR A 110 -1.70 -5.80 1.54
CA TYR A 110 -1.39 -4.90 2.66
C TYR A 110 -0.48 -3.74 2.16
N THR A 111 -0.95 -2.51 2.31
CA THR A 111 -0.15 -1.37 1.79
C THR A 111 0.11 -0.37 2.90
N GLN A 112 1.33 0.12 2.94
CA GLN A 112 1.68 1.24 3.78
C GLN A 112 1.51 2.64 3.09
N ASN A 113 1.17 2.70 1.81
CA ASN A 113 1.09 3.99 1.11
C ASN A 113 -0.28 4.58 1.41
N ILE A 114 -0.38 5.87 1.17
CA ILE A 114 -1.59 6.59 1.39
C ILE A 114 -2.07 7.32 0.13
N ASP A 115 -1.48 6.97 -0.99
CA ASP A 115 -1.79 7.63 -2.28
C ASP A 115 -3.08 7.06 -2.86
N GLY A 116 -3.53 5.94 -2.34
CA GLY A 116 -4.81 5.35 -2.78
C GLY A 116 -4.74 4.65 -4.12
N LEU A 117 -3.52 4.50 -4.69
CA LEU A 117 -3.41 3.98 -6.03
C LEU A 117 -3.81 2.52 -6.18
N GLU A 118 -3.75 1.73 -5.10
CA GLU A 118 -4.22 0.34 -5.17
C GLU A 118 -5.69 0.34 -5.54
N ARG A 119 -6.52 1.10 -4.79
CA ARG A 119 -7.97 1.20 -5.10
C ARG A 119 -8.16 1.76 -6.51
N VAL A 120 -7.39 2.81 -6.83
CA VAL A 120 -7.53 3.43 -8.17
C VAL A 120 -7.30 2.42 -9.33
N SER A 121 -6.41 1.46 -9.11
CA SER A 121 -6.07 0.49 -10.11
C SER A 121 -7.24 -0.52 -10.23
N GLY A 122 -8.23 -0.40 -9.34
CA GLY A 122 -9.43 -1.22 -9.36
C GLY A 122 -9.37 -2.51 -8.55
N ILE A 123 -8.44 -2.61 -7.62
CA ILE A 123 -8.52 -3.67 -6.64
C ILE A 123 -9.64 -3.37 -5.65
N PRO A 124 -10.60 -4.30 -5.46
CA PRO A 124 -11.71 -3.97 -4.58
C PRO A 124 -11.25 -3.77 -3.17
N ALA A 125 -11.92 -2.88 -2.44
CA ALA A 125 -11.56 -2.61 -1.03
C ALA A 125 -11.51 -3.87 -0.14
N SER A 126 -12.33 -4.86 -0.47
CA SER A 126 -12.34 -6.06 0.35
C SER A 126 -11.01 -6.84 0.30
N LYS A 127 -10.22 -6.62 -0.75
CA LYS A 127 -8.87 -7.20 -0.95
C LYS A 127 -7.75 -6.39 -0.39
N LEU A 128 -8.06 -5.20 0.13
CA LEU A 128 -7.06 -4.23 0.56
C LEU A 128 -7.08 -4.06 2.07
N VAL A 129 -5.88 -3.99 2.63
CA VAL A 129 -5.71 -3.48 3.97
C VAL A 129 -4.82 -2.25 3.86
N GLU A 130 -5.43 -1.10 3.99
CA GLU A 130 -4.70 0.20 3.83
C GLU A 130 -4.14 0.56 5.20
N ALA A 131 -3.02 0.00 5.51
CA ALA A 131 -2.65 -0.09 6.92
C ALA A 131 -2.29 1.26 7.49
N HIS A 132 -2.03 2.27 6.64
CA HIS A 132 -1.81 3.62 7.18
C HIS A 132 -3.01 4.51 6.86
N GLY A 133 -4.10 3.88 6.42
CA GLY A 133 -5.36 4.52 6.23
C GLY A 133 -5.55 5.05 4.84
N THR A 134 -6.51 5.96 4.78
CA THR A 134 -7.06 6.44 3.54
C THR A 134 -7.67 7.84 3.55
N PHE A 135 -7.62 8.51 2.41
CA PHE A 135 -8.30 9.80 2.23
C PHE A 135 -9.74 9.61 1.81
N ALA A 136 -10.17 8.38 1.59
CA ALA A 136 -11.50 8.20 1.05
C ALA A 136 -12.58 8.48 2.10
N SER A 137 -12.22 8.47 3.38
CA SER A 137 -13.17 8.77 4.44
C SER A 137 -12.48 9.66 5.48
N ALA A 138 -13.29 10.38 6.27
CA ALA A 138 -12.77 11.27 7.29
C ALA A 138 -13.56 11.14 8.58
N THR A 139 -13.01 11.71 9.64
CA THR A 139 -13.53 11.59 10.96
C THR A 139 -13.33 12.86 11.74
N CYS A 140 -14.41 13.35 12.32
CA CYS A 140 -14.31 14.41 13.29
C CYS A 140 -13.37 14.09 14.44
N THR A 141 -12.37 14.95 14.64
CA THR A 141 -11.36 14.68 15.64
C THR A 141 -11.94 14.78 17.03
N VAL A 142 -13.14 15.34 17.19
CA VAL A 142 -13.63 15.69 18.49
C VAL A 142 -14.78 14.73 18.86
N CYS A 143 -15.81 14.62 18.01
CA CYS A 143 -17.02 13.86 18.37
C CYS A 143 -17.03 12.51 17.61
N GLN A 144 -16.05 12.27 16.72
CA GLN A 144 -15.86 11.01 16.04
C GLN A 144 -16.93 10.70 14.99
N ARG A 145 -17.77 11.64 14.64
CA ARG A 145 -18.64 11.43 13.49
C ARG A 145 -17.85 11.16 12.23
N PRO A 146 -18.23 10.08 11.48
CA PRO A 146 -17.60 9.78 10.20
C PRO A 146 -18.20 10.59 9.04
N PHE A 147 -17.46 10.79 7.94
CA PHE A 147 -17.93 11.61 6.83
C PHE A 147 -17.25 11.06 5.60
N PRO A 148 -17.94 11.03 4.45
CA PRO A 148 -17.19 10.56 3.30
C PRO A 148 -16.17 11.58 2.91
N GLY A 149 -15.08 11.12 2.33
CA GLY A 149 -14.04 11.99 1.89
C GLY A 149 -14.49 13.06 0.94
N GLU A 150 -15.46 12.82 0.07
CA GLU A 150 -15.85 13.87 -0.91
C GLU A 150 -16.47 15.03 -0.17
N ASP A 151 -17.08 14.74 0.96
CA ASP A 151 -17.67 15.82 1.75
C ASP A 151 -16.69 16.88 2.17
N ILE A 152 -15.43 16.53 2.35
CA ILE A 152 -14.48 17.60 2.69
C ILE A 152 -13.59 18.08 1.55
N ARG A 153 -13.74 17.50 0.36
CA ARG A 153 -12.93 17.80 -0.81
C ARG A 153 -13.04 19.25 -1.13
N ALA A 154 -14.27 19.80 -1.20
CA ALA A 154 -14.40 21.26 -1.54
C ALA A 154 -13.48 22.09 -0.71
N ASP A 155 -13.60 21.91 0.61
CA ASP A 155 -12.83 22.70 1.61
C ASP A 155 -11.32 22.47 1.47
N VAL A 156 -10.88 21.21 1.41
CA VAL A 156 -9.45 20.91 1.25
C VAL A 156 -9.01 21.56 -0.06
N MET A 157 -9.75 21.30 -1.15
CA MET A 157 -9.40 21.85 -2.47
C MET A 157 -9.40 23.35 -2.50
N ALA A 158 -10.13 24.04 -1.62
CA ALA A 158 -9.96 25.51 -1.46
C ALA A 158 -9.14 25.95 -0.30
N ASP A 159 -8.28 25.11 0.22
CA ASP A 159 -7.42 25.52 1.35
C ASP A 159 -8.19 26.04 2.56
N ARG A 160 -9.40 25.52 2.79
CA ARG A 160 -10.07 25.73 4.09
C ARG A 160 -9.98 24.44 4.96
N VAL A 161 -9.74 24.67 6.24
CA VAL A 161 -9.76 23.58 7.19
C VAL A 161 -11.21 23.02 7.41
N PRO A 162 -11.42 21.74 7.13
CA PRO A 162 -12.83 21.34 7.28
C PRO A 162 -13.21 21.19 8.76
N ARG A 163 -14.43 21.63 9.04
CA ARG A 163 -14.97 21.66 10.37
C ARG A 163 -16.26 20.83 10.46
N CYS A 164 -16.45 20.24 11.61
CA CYS A 164 -17.60 19.37 11.91
C CYS A 164 -18.91 20.20 11.93
N PRO A 165 -19.89 19.83 11.05
CA PRO A 165 -21.14 20.59 11.03
C PRO A 165 -21.95 20.48 12.33
N VAL A 166 -21.52 19.64 13.26
CA VAL A 166 -22.17 19.61 14.53
C VAL A 166 -21.38 20.25 15.64
N CYS A 167 -20.19 19.75 15.94
CA CYS A 167 -19.41 20.24 17.10
C CYS A 167 -18.30 21.24 16.78
N THR A 168 -18.08 21.59 15.52
CA THR A 168 -16.97 22.43 15.04
C THR A 168 -15.53 21.86 15.02
N GLY A 169 -15.33 20.65 15.50
CA GLY A 169 -14.05 20.00 15.59
C GLY A 169 -13.48 19.89 14.20
N VAL A 170 -12.15 19.92 14.06
CA VAL A 170 -11.51 19.69 12.75
C VAL A 170 -11.84 18.23 12.29
N VAL A 171 -12.27 18.08 11.03
CA VAL A 171 -12.57 16.81 10.46
C VAL A 171 -11.33 16.39 9.73
N LYS A 172 -10.74 15.29 10.15
CA LYS A 172 -9.50 14.77 9.57
C LYS A 172 -9.70 13.52 8.74
N PRO A 173 -9.17 13.50 7.50
CA PRO A 173 -9.13 12.26 6.70
C PRO A 173 -8.58 11.12 7.53
N ASP A 174 -8.98 9.91 7.23
CA ASP A 174 -8.64 8.75 8.05
C ASP A 174 -7.26 8.23 7.70
N ILE A 175 -6.30 9.16 7.70
CA ILE A 175 -4.93 8.76 7.68
C ILE A 175 -4.56 8.40 9.11
N VAL A 176 -3.87 7.29 9.27
CA VAL A 176 -3.39 6.88 10.55
C VAL A 176 -2.20 7.75 10.97
N PHE A 177 -2.25 8.34 12.15
CA PHE A 177 -1.14 9.17 12.65
C PHE A 177 -0.26 8.41 13.66
N PHE A 178 0.93 8.92 13.95
CA PHE A 178 1.77 8.30 14.97
C PHE A 178 1.02 8.18 16.30
N GLY A 179 1.10 6.97 16.90
CA GLY A 179 0.52 6.71 18.20
C GLY A 179 -0.91 6.21 18.03
N GLU A 180 -1.49 6.31 16.83
CA GLU A 180 -2.84 5.74 16.66
C GLU A 180 -2.82 4.21 16.37
N PRO A 181 -3.85 3.47 16.82
CA PRO A 181 -4.04 2.05 16.39
C PRO A 181 -4.11 1.95 14.87
N LEU A 182 -3.49 0.95 14.31
CA LEU A 182 -3.70 0.62 12.89
C LEU A 182 -5.21 0.35 12.69
N PRO A 183 -5.71 0.45 11.46
CA PRO A 183 -7.12 0.25 11.26
C PRO A 183 -7.51 -1.18 11.66
N GLN A 184 -8.74 -1.30 12.09
CA GLN A 184 -9.39 -2.56 12.42
C GLN A 184 -9.19 -3.66 11.34
N ARG A 185 -9.16 -3.29 10.06
CA ARG A 185 -8.97 -4.30 9.00
C ARG A 185 -7.59 -4.88 9.09
N PHE A 186 -6.66 -4.19 9.77
CA PHE A 186 -5.36 -4.78 9.99
C PHE A 186 -5.47 -6.12 10.72
N LEU A 187 -6.51 -6.30 11.52
CA LEU A 187 -6.71 -7.60 12.17
C LEU A 187 -6.78 -8.77 11.20
N LEU A 188 -7.02 -8.51 9.91
CA LEU A 188 -7.06 -9.64 8.96
C LEU A 188 -5.77 -10.35 8.89
N HIS A 189 -4.65 -9.70 9.32
CA HIS A 189 -3.36 -10.39 9.27
C HIS A 189 -3.38 -11.71 10.04
N VAL A 190 -4.15 -11.74 11.11
CA VAL A 190 -4.30 -12.96 11.97
C VAL A 190 -4.77 -14.13 11.19
N VAL A 191 -5.56 -13.89 10.18
CA VAL A 191 -5.98 -15.04 9.34
C VAL A 191 -5.29 -15.09 7.99
N ASP A 192 -4.89 -13.93 7.41
CA ASP A 192 -4.33 -14.01 6.06
C ASP A 192 -2.95 -14.65 6.02
N PHE A 193 -2.09 -14.31 7.01
CA PHE A 193 -0.69 -14.78 6.93
C PHE A 193 -0.52 -16.31 7.06
N PRO A 194 -1.19 -16.96 8.04
CA PRO A 194 -1.23 -18.46 8.02
C PRO A 194 -1.85 -19.09 6.76
N MET A 195 -2.83 -18.42 6.14
CA MET A 195 -3.50 -18.90 4.93
C MET A 195 -2.64 -18.71 3.67
N ALA A 196 -1.70 -17.72 3.63
CA ALA A 196 -0.95 -17.49 2.40
C ALA A 196 -0.16 -18.69 1.91
N ASP A 197 -0.26 -18.99 0.64
CA ASP A 197 0.72 -19.89 0.01
C ASP A 197 1.87 -19.21 -0.71
N LEU A 198 1.83 -17.89 -0.82
CA LEU A 198 2.92 -17.13 -1.42
C LEU A 198 2.89 -15.73 -0.85
N LEU A 199 4.03 -15.23 -0.43
CA LEU A 199 4.13 -13.89 0.05
C LEU A 199 4.96 -13.07 -0.93
N LEU A 200 4.39 -11.96 -1.38
CA LEU A 200 5.06 -11.05 -2.30
C LEU A 200 5.22 -9.71 -1.62
N ILE A 201 6.47 -9.25 -1.60
CA ILE A 201 6.81 -8.01 -0.97
C ILE A 201 7.38 -7.09 -2.01
N LEU A 202 6.73 -5.97 -2.30
CA LEU A 202 7.19 -5.06 -3.37
C LEU A 202 7.44 -3.70 -2.89
N GLY A 203 8.62 -3.14 -3.19
CA GLY A 203 8.87 -1.75 -2.91
C GLY A 203 8.86 -1.26 -1.48
N THR A 204 9.32 -2.08 -0.55
CA THR A 204 9.47 -1.68 0.83
C THR A 204 10.47 -2.64 1.45
N SER A 205 11.19 -2.19 2.45
CA SER A 205 11.99 -3.10 3.27
C SER A 205 11.17 -3.78 4.40
N LEU A 206 10.14 -3.09 4.88
CA LEU A 206 9.37 -3.56 6.04
C LEU A 206 10.28 -3.55 7.26
N GLU A 207 10.84 -2.38 7.52
CA GLU A 207 11.70 -2.17 8.64
C GLU A 207 10.92 -1.85 9.89
N VAL A 208 9.83 -1.11 9.74
CA VAL A 208 8.98 -0.73 10.88
C VAL A 208 8.09 -1.95 11.33
N GLU A 209 8.00 -2.12 12.65
CA GLU A 209 6.97 -2.97 13.21
C GLU A 209 5.60 -2.27 13.08
N PRO A 210 4.51 -3.07 12.96
CA PRO A 210 4.50 -4.54 12.85
C PRO A 210 4.86 -5.12 11.48
N PHE A 211 5.16 -4.34 10.48
CA PHE A 211 5.20 -4.97 9.19
C PHE A 211 6.34 -6.00 9.10
N ALA A 212 7.44 -5.71 9.81
CA ALA A 212 8.63 -6.54 9.69
C ALA A 212 8.36 -7.99 10.05
N SER A 213 7.73 -8.25 11.20
CA SER A 213 7.55 -9.63 11.66
C SER A 213 6.40 -10.35 11.00
N LEU A 214 5.52 -9.61 10.29
CA LEU A 214 4.46 -10.23 9.48
C LEU A 214 5.17 -11.03 8.39
N THR A 215 6.37 -10.60 7.98
CA THR A 215 7.14 -11.38 7.01
C THR A 215 7.52 -12.74 7.60
N GLU A 216 7.73 -12.79 8.93
CA GLU A 216 7.91 -14.08 9.66
C GLU A 216 6.63 -14.90 9.89
N ALA A 217 5.45 -14.32 9.70
CA ALA A 217 4.19 -15.01 10.09
C ALA A 217 3.68 -16.06 9.11
N VAL A 218 4.22 -16.10 7.89
CA VAL A 218 3.81 -17.14 6.93
C VAL A 218 4.52 -18.43 7.34
N ARG A 219 4.12 -19.56 6.79
CA ARG A 219 4.70 -20.85 7.19
C ARG A 219 6.01 -20.98 6.42
N SER A 220 6.94 -21.80 6.89
CA SER A 220 8.28 -21.83 6.26
C SER A 220 8.30 -22.57 4.90
N SER A 221 7.28 -23.38 4.64
CA SER A 221 7.02 -23.94 3.29
C SER A 221 6.62 -22.89 2.22
N VAL A 222 6.37 -21.63 2.65
CA VAL A 222 5.81 -20.58 1.80
C VAL A 222 6.92 -19.75 1.22
N PRO A 223 7.07 -19.75 -0.10
CA PRO A 223 8.03 -18.84 -0.72
C PRO A 223 7.76 -17.40 -0.35
N ARG A 224 8.84 -16.65 -0.13
CA ARG A 224 8.75 -15.23 0.10
C ARG A 224 9.60 -14.60 -0.99
N LEU A 225 8.96 -13.77 -1.83
CA LEU A 225 9.59 -13.18 -2.99
C LEU A 225 9.62 -11.69 -2.77
N LEU A 226 10.81 -11.12 -2.88
CA LEU A 226 11.00 -9.71 -2.66
C LEU A 226 11.39 -9.05 -3.97
N ILE A 227 10.64 -8.03 -4.37
CA ILE A 227 11.07 -7.25 -5.50
C ILE A 227 11.27 -5.87 -4.98
N ASN A 228 12.55 -5.47 -4.97
CA ASN A 228 12.92 -4.28 -4.27
C ASN A 228 14.29 -3.77 -4.71
N ARG A 229 14.53 -2.48 -4.50
CA ARG A 229 15.84 -1.87 -4.81
C ARG A 229 16.91 -2.82 -4.33
N ASP A 230 16.93 -3.06 -3.01
CA ASP A 230 17.95 -3.89 -2.39
C ASP A 230 17.35 -4.96 -1.46
N LEU A 231 18.24 -5.86 -1.04
CA LEU A 231 17.94 -6.89 -0.06
C LEU A 231 18.12 -6.33 1.35
N VAL A 232 17.03 -6.08 2.04
CA VAL A 232 17.10 -5.47 3.34
C VAL A 232 15.91 -6.01 4.18
N GLY A 233 15.91 -5.73 5.48
CA GLY A 233 14.81 -6.15 6.31
C GLY A 233 14.92 -7.63 6.69
N PRO A 234 13.80 -8.18 7.21
CA PRO A 234 13.78 -9.53 7.79
C PRO A 234 14.15 -10.64 6.81
N LEU A 235 14.03 -10.41 5.51
CA LEU A 235 14.50 -11.40 4.53
C LEU A 235 16.04 -11.44 4.46
N ALA A 236 16.68 -10.28 4.59
CA ALA A 236 18.13 -10.21 4.87
C ALA A 236 18.46 -10.82 6.23
N TRP A 237 17.79 -10.34 7.29
CA TRP A 237 18.09 -10.71 8.68
C TRP A 237 17.82 -12.20 8.98
N HIS A 238 16.65 -12.71 8.59
CA HIS A 238 16.26 -14.10 8.89
C HIS A 238 15.85 -14.88 7.62
N PRO A 239 16.81 -15.10 6.72
CA PRO A 239 16.44 -15.76 5.48
C PRO A 239 15.93 -17.18 5.70
N ARG A 240 14.96 -17.56 4.89
CA ARG A 240 14.48 -18.93 4.85
C ARG A 240 14.80 -19.48 3.48
N SER A 241 14.71 -20.79 3.33
CA SER A 241 15.23 -21.47 2.14
C SER A 241 14.39 -21.27 0.86
N ARG A 242 13.10 -20.95 0.99
CA ARG A 242 12.27 -20.66 -0.19
C ARG A 242 12.13 -19.14 -0.47
N ASP A 243 13.10 -18.34 -0.03
CA ASP A 243 13.17 -16.91 -0.32
C ASP A 243 13.83 -16.64 -1.64
N VAL A 244 13.34 -15.61 -2.31
CA VAL A 244 13.82 -15.20 -3.62
C VAL A 244 13.83 -13.71 -3.55
N ALA A 245 14.94 -13.12 -3.98
CA ALA A 245 15.10 -11.67 -4.08
C ALA A 245 15.30 -11.25 -5.53
N GLN A 246 14.66 -10.17 -5.93
CA GLN A 246 14.74 -9.78 -7.31
C GLN A 246 15.01 -8.31 -7.17
N LEU A 247 16.31 -8.01 -7.20
CA LEU A 247 16.81 -6.71 -6.80
C LEU A 247 16.97 -5.83 -7.99
N GLY A 248 16.69 -4.56 -7.81
CA GLY A 248 16.87 -3.60 -8.86
C GLY A 248 15.63 -2.77 -8.98
N ASP A 249 15.48 -2.14 -10.12
CA ASP A 249 14.35 -1.37 -10.39
C ASP A 249 13.09 -2.23 -10.24
N VAL A 250 12.17 -1.78 -9.39
CA VAL A 250 10.94 -2.53 -9.07
C VAL A 250 10.13 -2.74 -10.32
N VAL A 251 9.98 -1.68 -11.13
CA VAL A 251 9.25 -1.78 -12.35
C VAL A 251 9.87 -2.87 -13.22
N HIS A 252 11.20 -2.88 -13.36
CA HIS A 252 11.84 -3.84 -14.21
C HIS A 252 11.64 -5.26 -13.68
N GLY A 253 11.75 -5.44 -12.38
CA GLY A 253 11.53 -6.73 -11.73
C GLY A 253 10.12 -7.24 -11.98
N VAL A 254 9.12 -6.35 -11.90
CA VAL A 254 7.73 -6.76 -12.10
C VAL A 254 7.50 -7.17 -13.53
N GLU A 255 8.03 -6.38 -14.44
CA GLU A 255 7.90 -6.68 -15.84
C GLU A 255 8.59 -7.97 -16.19
N SER A 256 9.73 -8.25 -15.54
CA SER A 256 10.34 -9.57 -15.75
C SER A 256 9.45 -10.70 -15.29
N LEU A 257 8.83 -10.51 -14.13
CA LEU A 257 7.98 -11.54 -13.55
C LEU A 257 6.78 -11.77 -14.49
N VAL A 258 6.19 -10.68 -14.95
CA VAL A 258 5.05 -10.65 -15.86
C VAL A 258 5.36 -11.47 -17.10
N GLU A 259 6.52 -11.17 -17.67
CA GLU A 259 7.00 -11.88 -18.81
C GLU A 259 7.21 -13.41 -18.54
N LEU A 260 7.78 -13.78 -17.39
CA LEU A 260 7.92 -15.23 -17.10
C LEU A 260 6.54 -15.84 -16.87
N LEU A 261 5.58 -15.02 -16.44
CA LEU A 261 4.24 -15.57 -16.22
C LEU A 261 3.48 -15.75 -17.54
N GLY A 262 3.91 -15.11 -18.61
CA GLY A 262 3.14 -15.09 -19.86
C GLY A 262 1.99 -14.08 -19.83
N TRP A 263 2.13 -12.98 -19.10
CA TRP A 263 0.99 -12.09 -18.89
C TRP A 263 1.20 -10.73 -19.57
N THR A 264 2.09 -10.70 -20.56
CA THR A 264 2.44 -9.44 -21.21
C THR A 264 1.26 -8.80 -21.90
N GLU A 265 0.61 -9.58 -22.73
CA GLU A 265 -0.59 -9.18 -23.40
C GLU A 265 -1.70 -8.76 -22.44
N GLU A 266 -1.96 -9.53 -21.39
CA GLU A 266 -3.02 -9.15 -20.45
C GLU A 266 -2.71 -7.82 -19.77
N MET A 267 -1.43 -7.60 -19.48
CA MET A 267 -0.97 -6.31 -18.90
C MET A 267 -1.26 -5.12 -19.83
N ARG A 268 -0.95 -5.29 -21.11
CA ARG A 268 -1.19 -4.25 -22.11
C ARG A 268 -2.66 -4.02 -22.20
N ASP A 269 -3.47 -5.10 -22.26
CA ASP A 269 -4.92 -4.98 -22.35
C ASP A 269 -5.40 -4.06 -21.22
N LEU A 270 -4.95 -4.39 -20.02
CA LEU A 270 -5.47 -3.81 -18.79
C LEU A 270 -5.06 -2.30 -18.67
N VAL A 271 -3.79 -2.04 -18.96
CA VAL A 271 -3.26 -0.64 -18.90
C VAL A 271 -3.97 0.25 -19.93
N GLN A 272 -4.17 -0.25 -21.13
CA GLN A 272 -4.87 0.52 -22.14
C GLN A 272 -6.33 0.83 -21.73
N ARG A 273 -7.00 -0.19 -21.22
CA ARG A 273 -8.37 -0.06 -20.85
C ARG A 273 -8.49 0.94 -19.64
N GLU A 274 -7.62 0.86 -18.69
CA GLU A 274 -7.78 1.71 -17.52
C GLU A 274 -7.21 3.14 -17.72
N THR A 275 -6.21 3.29 -18.59
CA THR A 275 -5.49 4.59 -18.62
C THR A 275 -5.46 5.19 -19.99
N GLY A 276 -6.06 4.53 -20.97
CA GLY A 276 -6.00 4.93 -22.35
C GLY A 276 -4.67 4.81 -23.09
N LYS A 277 -3.66 4.12 -22.55
CA LYS A 277 -2.40 3.92 -23.29
C LYS A 277 -2.59 3.21 -24.66
N ARG B 1 -3.26 -2.89 20.39
CA ARG B 1 -1.81 -3.20 20.58
C ARG B 1 -0.96 -2.62 19.47
N HIS B 2 -1.36 -2.90 18.22
CA HIS B 2 -0.60 -2.47 17.04
C HIS B 2 -0.96 -1.04 16.70
N LYS B 3 0.08 -0.21 16.76
CA LYS B 3 -0.01 1.25 16.59
C LYS B 3 1.07 1.65 15.63
#